data_2CHB
#
_entry.id   2CHB
#
_cell.length_a   101.900
_cell.length_b   67.580
_cell.length_c   80.470
_cell.angle_alpha   90.00
_cell.angle_beta   105.69
_cell.angle_gamma   90.00
#
_symmetry.space_group_name_H-M   'C 1 2 1'
#
loop_
_entity.id
_entity.type
_entity.pdbx_description
1 polymer 'CHOLERA TOXIN'
2 branched 'beta-D-galactopyranose-(1-3)-2-acetamido-2-deoxy-beta-D-galactopyranose-(1-4)-[N-acetyl-alpha-neuraminic acid-(2-3)]beta-D-galactopyranose'
3 branched 'beta-D-galactopyranose-(1-3)-2-acetamido-2-deoxy-beta-D-galactopyranose-(1-4)-[N-acetyl-alpha-neuraminic acid-(2-3)]beta-D-galactopyranose-(1-4)-beta-D-glucopyranose'
4 water water
#
_entity_poly.entity_id   1
_entity_poly.type   'polypeptide(L)'
_entity_poly.pdbx_seq_one_letter_code
;MTPQNITDLCAEYHNTQIHTLNDKIFSYTESLAGKREMAIITFKNGATFQVEVPGSQHIDSQKKAIERMKDTLRIAYLTE
AKVEKLCVWNNKTPHAIAAISMAN
;
_entity_poly.pdbx_strand_id   D,E,F,G,H
#
loop_
_chem_comp.id
_chem_comp.type
_chem_comp.name
_chem_comp.formula
BGC D-saccharide, beta linking beta-D-glucopyranose 'C6 H12 O6'
GAL D-saccharide, beta linking beta-D-galactopyranose 'C6 H12 O6'
NGA D-saccharide, beta linking 2-acetamido-2-deoxy-beta-D-galactopyranose 'C8 H15 N O6'
SIA D-saccharide, alpha linking 'N-acetyl-alpha-neuraminic acid' 'C11 H19 N O9'
#
# COMPACT_ATOMS: atom_id res chain seq x y z
N THR A 2 5.58 -29.18 -0.50
CA THR A 2 5.35 -27.78 -0.06
C THR A 2 4.52 -27.78 1.24
N PRO A 3 4.93 -26.97 2.23
CA PRO A 3 4.23 -26.86 3.52
C PRO A 3 2.75 -26.57 3.33
N GLN A 4 1.94 -27.01 4.30
CA GLN A 4 0.50 -26.84 4.28
C GLN A 4 0.09 -25.83 5.37
N ASN A 5 0.99 -25.59 6.33
CA ASN A 5 0.72 -24.67 7.41
C ASN A 5 2.03 -24.13 8.00
N ILE A 6 1.89 -23.18 8.93
CA ILE A 6 3.05 -22.55 9.56
C ILE A 6 3.94 -23.55 10.33
N THR A 7 3.35 -24.49 11.06
CA THR A 7 4.13 -25.46 11.84
C THR A 7 5.06 -26.34 10.99
N ASP A 8 4.54 -26.86 9.88
CA ASP A 8 5.36 -27.68 9.01
C ASP A 8 6.43 -26.85 8.34
N LEU A 9 6.09 -25.61 7.98
CA LEU A 9 7.04 -24.70 7.35
C LEU A 9 8.17 -24.42 8.34
N CYS A 10 7.79 -24.15 9.58
CA CYS A 10 8.74 -23.88 10.64
C CYS A 10 9.67 -25.06 10.87
N ALA A 11 9.12 -26.27 10.85
CA ALA A 11 9.90 -27.49 11.05
C ALA A 11 10.99 -27.73 9.97
N GLU A 12 10.92 -26.99 8.87
CA GLU A 12 11.92 -27.15 7.81
C GLU A 12 13.16 -26.35 8.10
N TYR A 13 13.14 -25.55 9.15
CA TYR A 13 14.30 -24.75 9.42
C TYR A 13 15.04 -25.09 10.69
N HIS A 14 16.34 -24.79 10.62
CA HIS A 14 17.28 -24.93 11.73
C HIS A 14 17.14 -23.74 12.65
N ASN A 15 17.11 -24.02 13.96
CA ASN A 15 17.05 -22.99 14.99
C ASN A 15 15.72 -22.26 15.05
N THR A 16 14.66 -22.87 14.55
CA THR A 16 13.35 -22.24 14.57
C THR A 16 12.52 -22.75 15.74
N GLN A 17 11.42 -22.05 16.01
CA GLN A 17 10.54 -22.39 17.12
C GLN A 17 9.18 -21.71 16.90
N ILE A 18 8.12 -22.35 17.36
CA ILE A 18 6.76 -21.82 17.21
C ILE A 18 6.22 -21.27 18.53
N HIS A 19 5.60 -20.10 18.49
CA HIS A 19 4.98 -19.51 19.67
C HIS A 19 3.51 -19.30 19.31
N THR A 20 2.61 -19.74 20.18
CA THR A 20 1.18 -19.57 19.97
C THR A 20 0.77 -18.41 20.83
N LEU A 21 0.20 -17.39 20.21
CA LEU A 21 -0.20 -16.22 20.95
C LEU A 21 -1.68 -16.06 21.02
N ASN A 22 -2.36 -16.15 19.89
CA ASN A 22 -3.81 -16.01 19.87
C ASN A 22 -4.13 -14.68 20.52
N ASP A 23 -3.37 -13.65 20.21
CA ASP A 23 -3.61 -12.35 20.80
C ASP A 23 -3.21 -11.29 19.79
N LYS A 24 -3.71 -10.08 19.94
CA LYS A 24 -3.36 -9.01 19.03
C LYS A 24 -2.02 -8.42 19.47
N ILE A 25 -1.37 -7.72 18.57
CA ILE A 25 -0.10 -7.07 18.84
C ILE A 25 -0.33 -5.91 19.82
N PHE A 26 0.52 -5.85 20.83
CA PHE A 26 0.42 -4.83 21.84
C PHE A 26 1.22 -3.60 21.44
N SER A 27 2.39 -3.79 20.83
CA SER A 27 3.24 -2.68 20.41
C SER A 27 3.94 -2.92 19.11
N TYR A 28 4.00 -1.87 18.29
CA TYR A 28 4.66 -1.91 17.01
C TYR A 28 5.71 -0.81 17.02
N THR A 29 6.94 -1.15 16.68
CA THR A 29 8.03 -0.17 16.66
C THR A 29 8.80 -0.29 15.36
N GLU A 30 9.11 0.84 14.75
CA GLU A 30 9.90 0.79 13.54
C GLU A 30 10.95 1.88 13.50
N SER A 31 12.09 1.52 12.94
CA SER A 31 13.24 2.42 12.86
C SER A 31 13.82 2.58 11.47
N LEU A 32 14.18 3.81 11.17
CA LEU A 32 14.80 4.17 9.92
C LEU A 32 16.26 4.52 10.23
N ALA A 33 16.66 4.35 11.49
CA ALA A 33 18.03 4.63 11.92
C ALA A 33 19.03 3.73 11.17
N GLY A 34 20.11 4.31 10.67
CA GLY A 34 21.11 3.59 9.89
C GLY A 34 21.69 2.39 10.59
N LYS A 35 21.67 1.24 9.90
CA LYS A 35 22.14 -0.05 10.43
C LYS A 35 21.15 -0.67 11.41
N ARG A 36 19.99 -0.04 11.57
CA ARG A 36 18.97 -0.54 12.48
C ARG A 36 17.62 -0.36 11.83
N GLU A 37 17.55 -0.70 10.54
CA GLU A 37 16.31 -0.58 9.78
C GLU A 37 15.53 -1.85 10.09
N MET A 38 14.75 -1.79 11.16
CA MET A 38 14.01 -2.94 11.64
C MET A 38 12.67 -2.54 12.24
N ALA A 39 11.89 -3.54 12.65
CA ALA A 39 10.58 -3.35 13.28
C ALA A 39 10.56 -4.31 14.47
N ILE A 40 9.96 -3.90 15.57
CA ILE A 40 9.89 -4.73 16.77
C ILE A 40 8.46 -4.73 17.26
N ILE A 41 7.93 -5.92 17.54
CA ILE A 41 6.57 -6.03 18.06
C ILE A 41 6.55 -6.75 19.42
N THR A 42 5.61 -6.38 20.27
CA THR A 42 5.49 -7.03 21.56
C THR A 42 4.03 -7.40 21.78
N PHE A 43 3.80 -8.32 22.70
CA PHE A 43 2.46 -8.75 23.08
C PHE A 43 2.30 -8.49 24.57
N LYS A 44 1.07 -8.53 25.08
CA LYS A 44 0.83 -8.28 26.51
C LYS A 44 1.65 -9.15 27.46
N ASN A 45 1.94 -10.39 27.06
CA ASN A 45 2.71 -11.30 27.90
C ASN A 45 4.21 -10.92 27.97
N GLY A 46 4.60 -9.83 27.31
CA GLY A 46 5.99 -9.40 27.32
C GLY A 46 6.86 -9.92 26.18
N ALA A 47 6.32 -10.89 25.43
CA ALA A 47 7.03 -11.48 24.31
C ALA A 47 7.42 -10.37 23.33
N THR A 48 8.66 -10.41 22.89
CA THR A 48 9.21 -9.42 21.98
C THR A 48 9.83 -10.16 20.80
N PHE A 49 9.49 -9.71 19.59
CA PHE A 49 10.03 -10.32 18.38
C PHE A 49 10.47 -9.21 17.46
N GLN A 50 11.40 -9.53 16.59
CA GLN A 50 11.90 -8.56 15.65
C GLN A 50 11.82 -9.10 14.25
N VAL A 51 11.90 -8.18 13.30
CA VAL A 51 11.99 -8.50 11.89
C VAL A 51 13.40 -7.95 11.72
N GLU A 52 14.34 -8.86 11.48
CA GLU A 52 15.75 -8.48 11.34
C GLU A 52 16.08 -7.46 10.29
N VAL A 53 17.21 -6.81 10.49
CA VAL A 53 17.73 -5.85 9.53
C VAL A 53 18.17 -6.75 8.36
N PRO A 54 17.93 -6.32 7.11
CA PRO A 54 18.36 -7.15 5.97
C PRO A 54 19.87 -7.23 5.91
N GLY A 55 20.40 -8.36 5.46
CA GLY A 55 21.85 -8.54 5.40
C GLY A 55 22.35 -9.85 4.80
N SER A 56 23.58 -10.20 5.14
CA SER A 56 24.24 -11.42 4.65
C SER A 56 23.40 -12.68 4.80
N GLN A 57 22.81 -12.88 5.98
CA GLN A 57 21.98 -14.04 6.27
C GLN A 57 20.70 -14.07 5.45
N HIS A 58 20.60 -13.27 4.40
CA HIS A 58 19.40 -13.21 3.58
C HIS A 58 19.67 -13.37 2.10
N ILE A 59 18.92 -14.24 1.45
CA ILE A 59 19.08 -14.43 0.02
C ILE A 59 18.22 -13.39 -0.69
N ASP A 60 18.51 -13.17 -1.96
CA ASP A 60 17.81 -12.16 -2.74
C ASP A 60 16.30 -12.27 -2.80
N SER A 61 15.79 -13.46 -2.53
CA SER A 61 14.35 -13.71 -2.54
C SER A 61 13.70 -13.28 -1.23
N GLN A 62 14.47 -13.23 -0.17
CA GLN A 62 13.92 -12.84 1.11
C GLN A 62 13.75 -11.34 1.23
N LYS A 63 14.42 -10.61 0.34
CA LYS A 63 14.38 -9.16 0.35
C LYS A 63 12.98 -8.54 0.30
N LYS A 64 12.23 -8.87 -0.73
CA LYS A 64 10.88 -8.35 -0.87
C LYS A 64 10.01 -8.89 0.27
N ALA A 65 10.30 -10.10 0.72
CA ALA A 65 9.54 -10.76 1.78
C ALA A 65 9.71 -10.08 3.15
N ILE A 66 10.91 -9.58 3.41
CA ILE A 66 11.18 -8.86 4.66
C ILE A 66 10.36 -7.57 4.67
N GLU A 67 10.34 -6.87 3.54
CA GLU A 67 9.57 -5.65 3.40
C GLU A 67 8.09 -5.95 3.52
N ARG A 68 7.65 -7.06 2.93
CA ARG A 68 6.24 -7.44 3.01
C ARG A 68 5.83 -7.77 4.46
N MET A 69 6.70 -8.42 5.22
CA MET A 69 6.40 -8.78 6.59
C MET A 69 6.20 -7.54 7.46
N LYS A 70 7.01 -6.51 7.25
CA LYS A 70 6.90 -5.26 8.01
C LYS A 70 5.56 -4.58 7.71
N ASP A 71 5.10 -4.64 6.46
CA ASP A 71 3.81 -4.06 6.10
C ASP A 71 2.71 -4.83 6.81
N THR A 72 2.83 -6.16 6.84
CA THR A 72 1.83 -7.02 7.47
C THR A 72 1.70 -6.73 8.97
N LEU A 73 2.83 -6.65 9.65
CA LEU A 73 2.86 -6.39 11.06
C LEU A 73 2.25 -5.02 11.36
N ARG A 74 2.51 -4.04 10.49
CA ARG A 74 1.95 -2.72 10.75
C ARG A 74 0.43 -2.72 10.65
N ILE A 75 -0.09 -3.28 9.56
CA ILE A 75 -1.52 -3.31 9.38
C ILE A 75 -2.25 -4.23 10.38
N ALA A 76 -1.61 -5.34 10.74
CA ALA A 76 -2.17 -6.24 11.75
C ALA A 76 -2.30 -5.43 13.05
N TYR A 77 -1.24 -4.71 13.43
CA TYR A 77 -1.29 -3.92 14.65
C TYR A 77 -2.45 -2.91 14.62
N LEU A 78 -2.50 -2.10 13.57
CA LEU A 78 -3.54 -1.09 13.41
C LEU A 78 -4.98 -1.63 13.36
N THR A 79 -5.17 -2.80 12.77
CA THR A 79 -6.52 -3.37 12.69
C THR A 79 -6.82 -4.26 13.90
N GLU A 80 -5.85 -4.44 14.78
CA GLU A 80 -6.02 -5.28 15.98
C GLU A 80 -6.35 -6.73 15.65
N ALA A 81 -5.69 -7.22 14.60
CA ALA A 81 -5.88 -8.60 14.15
C ALA A 81 -5.19 -9.52 15.14
N LYS A 82 -5.81 -10.66 15.41
CA LYS A 82 -5.23 -11.63 16.32
C LYS A 82 -4.18 -12.40 15.58
N VAL A 83 -2.99 -12.48 16.15
CA VAL A 83 -1.93 -13.25 15.57
C VAL A 83 -2.11 -14.65 16.16
N GLU A 84 -2.19 -15.67 15.31
CA GLU A 84 -2.34 -17.00 15.83
C GLU A 84 -0.98 -17.50 16.30
N LYS A 85 -0.08 -17.76 15.35
CA LYS A 85 1.26 -18.26 15.67
C LYS A 85 2.32 -17.50 14.90
N LEU A 86 3.55 -17.63 15.39
CA LEU A 86 4.70 -17.04 14.75
C LEU A 86 5.77 -18.11 14.71
N CYS A 87 6.44 -18.25 13.57
CA CYS A 87 7.54 -19.20 13.48
C CYS A 87 8.72 -18.23 13.68
N VAL A 88 9.56 -18.54 14.66
CA VAL A 88 10.64 -17.65 15.01
C VAL A 88 12.00 -18.34 15.12
N TRP A 89 13.06 -17.63 14.72
CA TRP A 89 14.43 -18.14 14.84
C TRP A 89 14.85 -17.78 16.26
N ASN A 90 15.35 -18.76 17.00
CA ASN A 90 15.75 -18.56 18.39
C ASN A 90 17.25 -18.35 18.63
N ASN A 91 18.01 -18.18 17.55
CA ASN A 91 19.43 -17.92 17.67
C ASN A 91 19.68 -16.41 17.60
N LYS A 92 18.61 -15.65 17.81
CA LYS A 92 18.66 -14.18 17.81
C LYS A 92 17.88 -13.65 18.99
N THR A 93 18.17 -12.40 19.36
CA THR A 93 17.49 -11.74 20.48
C THR A 93 17.29 -10.24 20.20
N PRO A 94 16.03 -9.79 20.14
CA PRO A 94 14.84 -10.64 20.31
C PRO A 94 14.70 -11.69 19.21
N HIS A 95 13.81 -12.66 19.40
CA HIS A 95 13.61 -13.71 18.41
C HIS A 95 13.15 -13.10 17.09
N ALA A 96 13.83 -13.48 16.01
CA ALA A 96 13.53 -12.97 14.68
C ALA A 96 12.35 -13.71 14.04
N ILE A 97 11.43 -12.95 13.44
CA ILE A 97 10.24 -13.53 12.81
C ILE A 97 10.52 -14.17 11.43
N ALA A 98 10.04 -15.40 11.23
CA ALA A 98 10.21 -16.13 9.96
C ALA A 98 8.88 -16.27 9.23
N ALA A 99 7.80 -16.42 9.97
CA ALA A 99 6.49 -16.55 9.38
C ALA A 99 5.46 -16.17 10.42
N ILE A 100 4.25 -15.88 9.95
CA ILE A 100 3.15 -15.51 10.81
C ILE A 100 1.83 -16.09 10.27
N SER A 101 0.94 -16.45 11.19
CA SER A 101 -0.36 -16.96 10.83
C SER A 101 -1.36 -16.14 11.64
N MET A 102 -2.46 -15.79 10.98
CA MET A 102 -3.52 -15.02 11.59
C MET A 102 -4.79 -15.80 11.31
N ALA A 103 -5.56 -16.05 12.36
CA ALA A 103 -6.80 -16.80 12.25
C ALA A 103 -7.83 -16.00 13.02
N ASN A 104 -9.03 -15.96 12.45
CA ASN A 104 -10.19 -15.22 12.98
C ASN A 104 -10.43 -15.33 14.48
N THR B 2 -10.64 -11.09 -24.99
CA THR B 2 -10.02 -11.79 -23.83
C THR B 2 -11.18 -12.30 -22.96
N PRO B 3 -10.88 -13.08 -21.91
CA PRO B 3 -11.99 -13.56 -21.08
C PRO B 3 -12.74 -12.42 -20.36
N GLN B 4 -14.05 -12.60 -20.22
CA GLN B 4 -14.88 -11.61 -19.55
C GLN B 4 -15.14 -11.99 -18.09
N ASN B 5 -14.64 -13.14 -17.65
CA ASN B 5 -14.84 -13.58 -16.28
C ASN B 5 -13.80 -14.63 -15.84
N ILE B 6 -13.83 -14.99 -14.55
CA ILE B 6 -12.89 -15.95 -13.97
C ILE B 6 -12.98 -17.36 -14.53
N THR B 7 -14.18 -17.85 -14.80
CA THR B 7 -14.32 -19.21 -15.33
C THR B 7 -13.72 -19.32 -16.74
N ASP B 8 -14.03 -18.35 -17.60
CA ASP B 8 -13.46 -18.35 -18.95
C ASP B 8 -11.94 -18.29 -18.87
N LEU B 9 -11.42 -17.38 -18.04
CA LEU B 9 -9.98 -17.23 -17.86
C LEU B 9 -9.34 -18.53 -17.39
N CYS B 10 -9.97 -19.17 -16.41
CA CYS B 10 -9.46 -20.41 -15.86
C CYS B 10 -9.42 -21.50 -16.94
N ALA B 11 -10.38 -21.45 -17.86
CA ALA B 11 -10.47 -22.42 -18.93
C ALA B 11 -9.32 -22.28 -19.97
N GLU B 12 -8.52 -21.21 -19.89
CA GLU B 12 -7.43 -21.03 -20.85
C GLU B 12 -6.13 -21.68 -20.45
N TYR B 13 -6.15 -22.46 -19.36
CA TYR B 13 -4.94 -23.11 -18.88
C TYR B 13 -5.21 -24.55 -18.55
N HIS B 14 -4.17 -25.37 -18.67
CA HIS B 14 -4.28 -26.78 -18.34
C HIS B 14 -4.05 -26.95 -16.85
N ASN B 15 -4.58 -28.03 -16.29
CA ASN B 15 -4.39 -28.34 -14.88
C ASN B 15 -5.00 -27.28 -13.95
N THR B 16 -6.15 -26.71 -14.32
CA THR B 16 -6.82 -25.71 -13.47
C THR B 16 -8.26 -26.09 -13.15
N GLN B 17 -8.79 -25.55 -12.07
CA GLN B 17 -10.18 -25.81 -11.65
C GLN B 17 -10.72 -24.63 -10.85
N ILE B 18 -12.03 -24.44 -10.96
CA ILE B 18 -12.74 -23.36 -10.26
C ILE B 18 -13.35 -23.91 -8.97
N HIS B 19 -13.15 -23.18 -7.87
CA HIS B 19 -13.74 -23.54 -6.59
C HIS B 19 -14.58 -22.36 -6.17
N THR B 20 -15.87 -22.57 -5.99
CA THR B 20 -16.76 -21.49 -5.58
C THR B 20 -16.83 -21.51 -4.05
N LEU B 21 -16.28 -20.48 -3.42
CA LEU B 21 -16.30 -20.42 -1.96
C LEU B 21 -17.43 -19.60 -1.36
N ASN B 22 -17.65 -18.41 -1.88
CA ASN B 22 -18.65 -17.49 -1.34
C ASN B 22 -18.55 -17.41 0.17
N ASP B 23 -17.33 -17.23 0.66
CA ASP B 23 -17.06 -17.15 2.09
C ASP B 23 -15.75 -16.39 2.28
N LYS B 24 -15.54 -15.84 3.48
CA LYS B 24 -14.29 -15.12 3.72
C LYS B 24 -13.18 -16.05 4.14
N ILE B 25 -11.96 -15.58 3.94
CA ILE B 25 -10.76 -16.34 4.28
C ILE B 25 -10.72 -16.58 5.78
N PHE B 26 -10.44 -17.81 6.16
CA PHE B 26 -10.39 -18.16 7.56
C PHE B 26 -9.04 -17.85 8.23
N SER B 27 -7.95 -18.14 7.54
CA SER B 27 -6.64 -17.85 8.11
C SER B 27 -5.67 -17.47 7.01
N TYR B 28 -4.71 -16.62 7.36
CA TYR B 28 -3.70 -16.15 6.43
C TYR B 28 -2.33 -16.42 7.02
N THR B 29 -1.46 -17.03 6.23
CA THR B 29 -0.13 -17.35 6.68
C THR B 29 0.86 -16.77 5.70
N GLU B 30 1.89 -16.12 6.22
CA GLU B 30 2.89 -15.48 5.41
C GLU B 30 4.28 -15.87 5.94
N SER B 31 5.20 -16.13 5.02
CA SER B 31 6.56 -16.55 5.36
C SER B 31 7.67 -15.79 4.62
N LEU B 32 8.72 -15.42 5.35
CA LEU B 32 9.87 -14.75 4.77
C LEU B 32 11.06 -15.72 4.72
N ALA B 33 10.84 -16.94 5.24
CA ALA B 33 11.84 -18.00 5.31
C ALA B 33 12.44 -18.33 3.94
N GLY B 34 13.77 -18.39 3.89
CA GLY B 34 14.51 -18.65 2.67
C GLY B 34 13.97 -19.78 1.82
N LYS B 35 13.64 -19.45 0.57
CA LYS B 35 13.07 -20.41 -0.39
C LYS B 35 11.63 -20.86 -0.13
N ARG B 36 11.01 -20.25 0.88
CA ARG B 36 9.63 -20.54 1.26
C ARG B 36 8.93 -19.20 1.50
N GLU B 37 9.12 -18.27 0.55
CA GLU B 37 8.53 -16.93 0.59
C GLU B 37 7.22 -17.04 -0.16
N MET B 38 6.19 -17.43 0.59
CA MET B 38 4.87 -17.67 0.04
C MET B 38 3.79 -17.29 1.06
N ALA B 39 2.53 -17.42 0.66
CA ALA B 39 1.40 -17.15 1.51
C ALA B 39 0.45 -18.36 1.36
N ILE B 40 -0.22 -18.72 2.45
CA ILE B 40 -1.14 -19.84 2.41
C ILE B 40 -2.42 -19.34 3.04
N ILE B 41 -3.56 -19.61 2.42
CA ILE B 41 -4.83 -19.19 2.99
C ILE B 41 -5.69 -20.43 3.17
N THR B 42 -6.60 -20.40 4.13
CA THR B 42 -7.54 -21.50 4.33
C THR B 42 -8.94 -20.95 4.57
N PHE B 43 -9.95 -21.78 4.34
CA PHE B 43 -11.34 -21.40 4.59
C PHE B 43 -11.82 -22.35 5.68
N LYS B 44 -12.89 -22.00 6.39
CA LYS B 44 -13.36 -22.87 7.47
C LYS B 44 -13.64 -24.30 7.05
N ASN B 45 -13.97 -24.53 5.77
CA ASN B 45 -14.24 -25.90 5.32
C ASN B 45 -12.96 -26.73 5.15
N GLY B 46 -11.82 -26.17 5.55
CA GLY B 46 -10.54 -26.86 5.42
C GLY B 46 -9.78 -26.60 4.13
N ALA B 47 -10.42 -25.97 3.16
CA ALA B 47 -9.77 -25.67 1.90
C ALA B 47 -8.52 -24.82 2.20
N THR B 48 -7.39 -25.26 1.67
CA THR B 48 -6.08 -24.62 1.85
C THR B 48 -5.47 -24.37 0.49
N PHE B 49 -5.06 -23.12 0.23
CA PHE B 49 -4.46 -22.75 -1.06
C PHE B 49 -3.19 -21.94 -0.88
N GLN B 50 -2.27 -22.04 -1.83
CA GLN B 50 -1.03 -21.30 -1.72
C GLN B 50 -0.85 -20.34 -2.89
N VAL B 51 0.03 -19.37 -2.67
CA VAL B 51 0.46 -18.44 -3.70
C VAL B 51 1.89 -18.98 -3.75
N GLU B 52 2.28 -19.55 -4.89
CA GLU B 52 3.61 -20.14 -5.03
C GLU B 52 4.75 -19.19 -4.90
N VAL B 53 5.85 -19.72 -4.39
CA VAL B 53 7.10 -18.99 -4.28
C VAL B 53 7.48 -18.78 -5.77
N PRO B 54 7.95 -17.56 -6.15
CA PRO B 54 8.29 -17.43 -7.57
C PRO B 54 9.48 -18.33 -7.97
N GLY B 55 9.37 -18.95 -9.14
CA GLY B 55 10.43 -19.84 -9.59
C GLY B 55 10.51 -19.86 -11.09
N SER B 56 11.13 -20.90 -11.63
CA SER B 56 11.32 -21.08 -13.06
C SER B 56 10.04 -21.18 -13.90
N GLN B 57 8.94 -21.66 -13.29
CA GLN B 57 7.66 -21.80 -14.00
C GLN B 57 6.99 -20.47 -14.32
N HIS B 58 7.47 -19.41 -13.67
CA HIS B 58 6.88 -18.09 -13.83
C HIS B 58 7.56 -17.22 -14.84
N ILE B 59 6.77 -16.56 -15.69
CA ILE B 59 7.34 -15.64 -16.66
C ILE B 59 7.52 -14.28 -15.98
N ASP B 60 8.28 -13.41 -16.60
CA ASP B 60 8.57 -12.11 -16.05
C ASP B 60 7.34 -11.28 -15.73
N SER B 61 6.34 -11.30 -16.62
CA SER B 61 5.12 -10.55 -16.43
C SER B 61 4.30 -11.01 -15.22
N GLN B 62 4.57 -12.22 -14.74
CA GLN B 62 3.84 -12.75 -13.60
C GLN B 62 4.43 -12.33 -12.27
N LYS B 63 5.66 -11.84 -12.26
CA LYS B 63 6.30 -11.46 -11.02
C LYS B 63 5.61 -10.38 -10.16
N LYS B 64 5.13 -9.29 -10.74
CA LYS B 64 4.41 -8.31 -9.92
C LYS B 64 2.99 -8.80 -9.63
N ALA B 65 2.48 -9.69 -10.50
CA ALA B 65 1.12 -10.22 -10.33
C ALA B 65 1.12 -11.06 -9.08
N ILE B 66 2.21 -11.81 -8.87
CA ILE B 66 2.37 -12.64 -7.68
C ILE B 66 2.41 -11.79 -6.41
N GLU B 67 3.16 -10.70 -6.43
CA GLU B 67 3.24 -9.81 -5.28
C GLU B 67 1.90 -9.16 -5.01
N ARG B 68 1.21 -8.74 -6.07
CA ARG B 68 -0.10 -8.15 -5.95
C ARG B 68 -1.12 -9.12 -5.31
N MET B 69 -1.12 -10.37 -5.77
CA MET B 69 -2.04 -11.37 -5.26
C MET B 69 -1.89 -11.54 -3.74
N LYS B 70 -0.65 -11.48 -3.24
CA LYS B 70 -0.43 -11.59 -1.81
C LYS B 70 -0.97 -10.37 -1.06
N ASP B 71 -0.89 -9.20 -1.69
CA ASP B 71 -1.44 -7.98 -1.09
C ASP B 71 -2.96 -8.14 -1.02
N THR B 72 -3.53 -8.66 -2.10
CA THR B 72 -4.97 -8.87 -2.18
C THR B 72 -5.48 -9.84 -1.14
N LEU B 73 -4.82 -10.98 -1.01
CA LEU B 73 -5.24 -11.97 -0.03
C LEU B 73 -5.17 -11.39 1.40
N ARG B 74 -4.11 -10.65 1.66
CA ARG B 74 -3.92 -10.03 2.97
C ARG B 74 -5.04 -9.05 3.27
N ILE B 75 -5.32 -8.18 2.31
CA ILE B 75 -6.35 -7.18 2.55
C ILE B 75 -7.75 -7.79 2.61
N ALA B 76 -7.98 -8.83 1.80
CA ALA B 76 -9.27 -9.51 1.76
C ALA B 76 -9.47 -10.18 3.09
N TYR B 77 -8.43 -10.84 3.58
CA TYR B 77 -8.48 -11.51 4.86
C TYR B 77 -8.79 -10.53 6.01
N LEU B 78 -8.03 -9.45 6.10
CA LEU B 78 -8.23 -8.46 7.17
C LEU B 78 -9.59 -7.78 7.14
N THR B 79 -10.13 -7.55 5.95
CA THR B 79 -11.42 -6.89 5.80
C THR B 79 -12.61 -7.84 5.76
N GLU B 80 -12.36 -9.15 5.82
CA GLU B 80 -13.41 -10.18 5.77
C GLU B 80 -14.26 -10.12 4.51
N ALA B 81 -13.60 -9.79 3.41
CA ALA B 81 -14.22 -9.69 2.10
C ALA B 81 -14.56 -11.10 1.69
N LYS B 82 -15.79 -11.28 1.22
CA LYS B 82 -16.27 -12.57 0.77
C LYS B 82 -15.59 -12.93 -0.55
N VAL B 83 -14.95 -14.09 -0.63
CA VAL B 83 -14.35 -14.44 -1.90
C VAL B 83 -15.31 -15.36 -2.65
N GLU B 84 -15.63 -14.97 -3.87
CA GLU B 84 -16.56 -15.73 -4.68
C GLU B 84 -15.97 -17.03 -5.21
N LYS B 85 -15.03 -16.92 -6.14
CA LYS B 85 -14.39 -18.07 -6.76
C LYS B 85 -12.89 -17.95 -6.82
N LEU B 86 -12.20 -19.08 -6.95
CA LEU B 86 -10.76 -19.09 -7.09
C LEU B 86 -10.44 -20.01 -8.25
N CYS B 87 -9.50 -19.60 -9.09
CA CYS B 87 -9.05 -20.45 -10.19
C CYS B 87 -7.73 -20.97 -9.65
N VAL B 88 -7.59 -22.28 -9.58
CA VAL B 88 -6.37 -22.86 -9.04
C VAL B 88 -5.76 -23.96 -9.89
N TRP B 89 -4.43 -24.08 -9.83
CA TRP B 89 -3.69 -25.12 -10.54
C TRP B 89 -3.74 -26.35 -9.65
N ASN B 90 -4.34 -27.42 -10.16
CA ASN B 90 -4.45 -28.64 -9.37
C ASN B 90 -3.26 -29.59 -9.47
N ASN B 91 -2.17 -29.15 -10.07
CA ASN B 91 -0.97 -29.99 -10.15
C ASN B 91 0.11 -29.56 -9.14
N LYS B 92 -0.31 -28.92 -8.05
CA LYS B 92 0.58 -28.46 -6.99
C LYS B 92 -0.13 -28.73 -5.66
N THR B 93 0.64 -28.94 -4.60
CA THR B 93 0.07 -29.19 -3.26
C THR B 93 0.75 -28.31 -2.22
N PRO B 94 -0.01 -27.39 -1.59
CA PRO B 94 -1.43 -27.13 -1.80
C PRO B 94 -1.66 -26.54 -3.20
N HIS B 95 -2.90 -26.62 -3.68
CA HIS B 95 -3.25 -26.08 -4.97
C HIS B 95 -2.88 -24.60 -5.01
N ALA B 96 -2.34 -24.17 -6.14
CA ALA B 96 -1.85 -22.81 -6.33
C ALA B 96 -2.86 -21.87 -6.97
N ILE B 97 -3.09 -20.74 -6.31
CA ILE B 97 -4.00 -19.72 -6.80
C ILE B 97 -3.51 -19.06 -8.10
N ALA B 98 -4.39 -19.06 -9.10
CA ALA B 98 -4.15 -18.44 -10.40
C ALA B 98 -4.91 -17.11 -10.52
N ALA B 99 -6.17 -17.11 -10.07
CA ALA B 99 -7.00 -15.91 -10.13
C ALA B 99 -8.02 -15.96 -9.02
N ILE B 100 -8.56 -14.80 -8.67
CA ILE B 100 -9.56 -14.71 -7.62
C ILE B 100 -10.66 -13.74 -8.04
N SER B 101 -11.90 -14.04 -7.66
CA SER B 101 -13.02 -13.17 -7.93
C SER B 101 -13.67 -12.93 -6.57
N MET B 102 -14.07 -11.69 -6.35
CA MET B 102 -14.70 -11.27 -5.12
C MET B 102 -15.96 -10.54 -5.52
N ALA B 103 -17.03 -10.88 -4.82
CA ALA B 103 -18.34 -10.30 -5.03
C ALA B 103 -18.94 -10.51 -3.65
N ASN B 104 -19.44 -9.43 -3.07
CA ASN B 104 -20.02 -9.50 -1.74
C ASN B 104 -21.54 -9.38 -1.89
N THR C 2 -4.57 20.90 -20.36
CA THR C 2 -4.84 19.75 -19.44
C THR C 2 -6.34 19.70 -19.13
N PRO C 3 -6.95 18.50 -19.21
CA PRO C 3 -8.38 18.39 -18.91
C PRO C 3 -8.67 18.69 -17.44
N GLN C 4 -9.89 19.16 -17.17
CA GLN C 4 -10.28 19.48 -15.79
C GLN C 4 -11.16 18.41 -15.20
N ASN C 5 -11.62 17.48 -16.04
CA ASN C 5 -12.49 16.38 -15.61
C ASN C 5 -12.31 15.17 -16.51
N ILE C 6 -12.96 14.06 -16.15
CA ILE C 6 -12.83 12.86 -16.94
C ILE C 6 -13.43 12.96 -18.33
N THR C 7 -14.56 13.66 -18.47
CA THR C 7 -15.24 13.84 -19.74
C THR C 7 -14.31 14.47 -20.78
N ASP C 8 -13.65 15.57 -20.41
CA ASP C 8 -12.72 16.24 -21.29
C ASP C 8 -11.44 15.43 -21.55
N LEU C 9 -10.96 14.71 -20.54
CA LEU C 9 -9.75 13.90 -20.69
C LEU C 9 -10.04 12.76 -21.67
N CYS C 10 -11.22 12.18 -21.53
CA CYS C 10 -11.65 11.08 -22.36
C CYS C 10 -11.75 11.53 -23.81
N ALA C 11 -12.20 12.76 -24.00
CA ALA C 11 -12.34 13.34 -25.34
C ALA C 11 -11.02 13.56 -26.10
N GLU C 12 -9.90 13.42 -25.40
CA GLU C 12 -8.61 13.60 -26.06
C GLU C 12 -8.12 12.32 -26.71
N TYR C 13 -8.97 11.29 -26.74
CA TYR C 13 -8.58 9.99 -27.31
C TYR C 13 -9.62 9.45 -28.29
N HIS C 14 -9.15 8.70 -29.28
CA HIS C 14 -10.01 8.05 -30.28
C HIS C 14 -10.45 6.74 -29.67
N ASN C 15 -11.59 6.23 -30.11
CA ASN C 15 -12.07 4.92 -29.65
C ASN C 15 -12.33 4.93 -28.15
N THR C 16 -12.55 6.11 -27.59
CA THR C 16 -12.79 6.24 -26.17
C THR C 16 -14.21 6.75 -25.88
N GLN C 17 -14.90 6.00 -25.03
CA GLN C 17 -16.28 6.25 -24.63
C GLN C 17 -16.34 6.55 -23.11
N ILE C 18 -17.36 7.29 -22.69
CA ILE C 18 -17.52 7.64 -21.27
C ILE C 18 -18.72 6.87 -20.74
N HIS C 19 -18.64 6.41 -19.50
CA HIS C 19 -19.73 5.65 -18.91
C HIS C 19 -20.11 6.13 -17.54
N THR C 20 -21.37 6.58 -17.38
CA THR C 20 -21.84 7.09 -16.09
C THR C 20 -22.52 5.95 -15.34
N LEU C 21 -21.88 5.50 -14.25
CA LEU C 21 -22.37 4.37 -13.45
C LEU C 21 -23.09 4.75 -12.17
N ASN C 22 -22.40 5.56 -11.39
CA ASN C 22 -22.92 6.01 -10.10
C ASN C 22 -23.34 4.84 -9.19
N ASP C 23 -22.50 3.80 -9.19
CA ASP C 23 -22.75 2.63 -8.35
C ASP C 23 -21.39 2.07 -7.92
N LYS C 24 -21.36 1.29 -6.83
CA LYS C 24 -20.13 0.70 -6.34
C LYS C 24 -19.91 -0.50 -7.25
N ILE C 25 -18.66 -0.95 -7.32
CA ILE C 25 -18.29 -2.10 -8.15
C ILE C 25 -18.95 -3.37 -7.60
N PHE C 26 -19.49 -4.18 -8.50
CA PHE C 26 -20.14 -5.40 -8.05
C PHE C 26 -19.18 -6.57 -7.82
N SER C 27 -18.27 -6.79 -8.74
CA SER C 27 -17.29 -7.88 -8.64
C SER C 27 -15.94 -7.35 -9.01
N TYR C 28 -14.90 -7.96 -8.45
CA TYR C 28 -13.53 -7.58 -8.73
C TYR C 28 -12.85 -8.90 -9.01
N THR C 29 -12.21 -9.06 -10.16
CA THR C 29 -11.50 -10.29 -10.49
C THR C 29 -10.05 -9.92 -10.76
N GLU C 30 -9.12 -10.68 -10.22
CA GLU C 30 -7.71 -10.40 -10.42
C GLU C 30 -7.00 -11.70 -10.79
N SER C 31 -6.11 -11.64 -11.77
CA SER C 31 -5.40 -12.81 -12.25
C SER C 31 -3.87 -12.67 -12.33
N LEU C 32 -3.18 -13.73 -11.90
CA LEU C 32 -1.72 -13.78 -11.96
C LEU C 32 -1.27 -14.82 -13.02
N ALA C 33 -2.26 -15.41 -13.73
CA ALA C 33 -2.00 -16.41 -14.78
C ALA C 33 -1.15 -15.76 -15.87
N GLY C 34 -0.16 -16.49 -16.36
CA GLY C 34 0.74 -15.96 -17.39
C GLY C 34 0.02 -15.51 -18.62
N LYS C 35 0.35 -14.32 -19.13
CA LYS C 35 -0.30 -13.75 -20.32
C LYS C 35 -1.69 -13.20 -20.02
N ARG C 36 -2.13 -13.34 -18.77
CA ARG C 36 -3.46 -12.88 -18.35
C ARG C 36 -3.37 -12.17 -16.99
N GLU C 37 -2.38 -11.30 -16.85
CA GLU C 37 -2.16 -10.56 -15.61
C GLU C 37 -3.02 -9.31 -15.74
N MET C 38 -4.27 -9.45 -15.34
CA MET C 38 -5.22 -8.37 -15.48
C MET C 38 -6.23 -8.39 -14.35
N ALA C 39 -7.11 -7.41 -14.39
CA ALA C 39 -8.19 -7.27 -13.41
C ALA C 39 -9.46 -7.02 -14.20
N ILE C 40 -10.58 -7.50 -13.69
CA ILE C 40 -11.85 -7.28 -14.37
C ILE C 40 -12.85 -6.86 -13.32
N ILE C 41 -13.65 -5.85 -13.64
CA ILE C 41 -14.67 -5.38 -12.74
C ILE C 41 -16.03 -5.43 -13.44
N THR C 42 -17.09 -5.61 -12.65
CA THR C 42 -18.43 -5.64 -13.21
C THR C 42 -19.35 -4.79 -12.33
N PHE C 43 -20.42 -4.29 -12.93
CA PHE C 43 -21.40 -3.53 -12.18
C PHE C 43 -22.71 -4.33 -12.18
N LYS C 44 -23.58 -4.05 -11.22
CA LYS C 44 -24.85 -4.76 -11.06
C LYS C 44 -25.72 -4.77 -12.32
N ASN C 45 -25.51 -3.78 -13.19
CA ASN C 45 -26.23 -3.68 -14.45
C ASN C 45 -25.53 -4.54 -15.49
N GLY C 46 -24.59 -5.36 -15.04
CA GLY C 46 -23.86 -6.24 -15.93
C GLY C 46 -22.70 -5.66 -16.69
N ALA C 47 -22.54 -4.34 -16.66
CA ALA C 47 -21.44 -3.69 -17.36
C ALA C 47 -20.11 -4.32 -16.88
N THR C 48 -19.28 -4.77 -17.82
CA THR C 48 -18.00 -5.42 -17.53
C THR C 48 -16.83 -4.67 -18.15
N PHE C 49 -15.78 -4.44 -17.36
CA PHE C 49 -14.61 -3.72 -17.86
C PHE C 49 -13.33 -4.41 -17.40
N GLN C 50 -12.28 -4.25 -18.18
CA GLN C 50 -10.98 -4.83 -17.85
C GLN C 50 -9.90 -3.75 -17.74
N VAL C 51 -8.78 -4.12 -17.11
CA VAL C 51 -7.59 -3.28 -17.03
C VAL C 51 -6.65 -4.20 -17.82
N GLU C 52 -6.29 -3.76 -19.02
CA GLU C 52 -5.46 -4.52 -19.94
C GLU C 52 -4.17 -5.10 -19.42
N VAL C 53 -3.82 -6.26 -19.95
CA VAL C 53 -2.57 -6.89 -19.61
C VAL C 53 -1.60 -5.87 -20.19
N PRO C 54 -0.59 -5.43 -19.42
CA PRO C 54 0.31 -4.46 -20.04
C PRO C 54 0.96 -5.03 -21.32
N GLY C 55 0.63 -4.40 -22.45
CA GLY C 55 1.15 -4.82 -23.74
C GLY C 55 1.90 -3.72 -24.47
N SER C 56 2.26 -3.99 -25.72
CA SER C 56 3.01 -3.04 -26.56
C SER C 56 2.31 -1.73 -26.87
N GLN C 57 0.99 -1.73 -26.84
CA GLN C 57 0.23 -0.52 -27.11
C GLN C 57 0.38 0.47 -25.96
N HIS C 58 1.22 0.14 -24.98
CA HIS C 58 1.45 1.00 -23.83
C HIS C 58 2.85 1.56 -23.84
N ILE C 59 2.95 2.86 -23.59
CA ILE C 59 4.23 3.54 -23.50
C ILE C 59 4.71 3.37 -22.05
N ASP C 60 6.01 3.48 -21.86
CA ASP C 60 6.61 3.31 -20.55
C ASP C 60 5.95 4.07 -19.39
N SER C 61 5.56 5.33 -19.62
CA SER C 61 4.93 6.14 -18.58
C SER C 61 3.64 5.52 -18.03
N GLN C 62 3.00 4.64 -18.81
CA GLN C 62 1.74 4.03 -18.39
C GLN C 62 1.88 2.82 -17.52
N LYS C 63 3.08 2.23 -17.47
CA LYS C 63 3.31 1.02 -16.69
C LYS C 63 3.00 1.18 -15.22
N LYS C 64 3.59 2.18 -14.58
CA LYS C 64 3.34 2.39 -13.15
C LYS C 64 1.85 2.74 -12.95
N ALA C 65 1.25 3.42 -13.95
CA ALA C 65 -0.14 3.84 -13.91
C ALA C 65 -1.15 2.68 -13.97
N ILE C 66 -0.82 1.65 -14.75
CA ILE C 66 -1.68 0.45 -14.85
C ILE C 66 -1.70 -0.26 -13.49
N GLU C 67 -0.56 -0.28 -12.79
CA GLU C 67 -0.48 -0.89 -11.46
C GLU C 67 -1.34 -0.11 -10.45
N ARG C 68 -1.23 1.21 -10.48
CA ARG C 68 -2.01 2.07 -9.60
C ARG C 68 -3.52 1.86 -9.81
N MET C 69 -3.96 1.73 -11.07
CA MET C 69 -5.37 1.54 -11.37
C MET C 69 -5.95 0.26 -10.78
N LYS C 70 -5.17 -0.82 -10.82
CA LYS C 70 -5.62 -2.06 -10.21
C LYS C 70 -5.71 -1.85 -8.68
N ASP C 71 -4.78 -1.09 -8.11
CA ASP C 71 -4.82 -0.83 -6.65
C ASP C 71 -6.09 -0.05 -6.32
N THR C 72 -6.41 0.91 -7.18
CA THR C 72 -7.58 1.75 -6.99
C THR C 72 -8.86 0.94 -7.12
N LEU C 73 -8.92 0.05 -8.12
CA LEU C 73 -10.11 -0.77 -8.30
C LEU C 73 -10.30 -1.69 -7.08
N ARG C 74 -9.22 -2.29 -6.61
CA ARG C 74 -9.32 -3.17 -5.45
C ARG C 74 -9.84 -2.43 -4.20
N ILE C 75 -9.26 -1.28 -3.89
CA ILE C 75 -9.69 -0.53 -2.71
C ILE C 75 -11.10 0.06 -2.83
N ALA C 76 -11.47 0.56 -4.01
CA ALA C 76 -12.80 1.13 -4.21
C ALA C 76 -13.84 0.02 -4.08
N TYR C 77 -13.50 -1.20 -4.51
CA TYR C 77 -14.41 -2.32 -4.40
C TYR C 77 -14.60 -2.67 -2.92
N LEU C 78 -13.48 -2.85 -2.21
CA LEU C 78 -13.52 -3.24 -0.81
C LEU C 78 -14.22 -2.23 0.09
N THR C 79 -14.13 -0.94 -0.25
CA THR C 79 -14.78 0.09 0.53
C THR C 79 -16.18 0.46 0.02
N GLU C 80 -16.61 -0.18 -1.07
CA GLU C 80 -17.92 0.07 -1.65
C GLU C 80 -18.11 1.52 -2.09
N ALA C 81 -17.06 2.10 -2.66
CA ALA C 81 -17.13 3.48 -3.12
C ALA C 81 -17.93 3.54 -4.41
N LYS C 82 -18.70 4.61 -4.56
CA LYS C 82 -19.50 4.81 -5.75
C LYS C 82 -18.60 5.37 -6.85
N VAL C 83 -18.50 4.66 -7.97
CA VAL C 83 -17.71 5.20 -9.06
C VAL C 83 -18.72 5.95 -9.93
N GLU C 84 -18.38 7.18 -10.24
CA GLU C 84 -19.20 8.05 -11.04
C GLU C 84 -19.16 7.68 -12.52
N LYS C 85 -18.03 7.93 -13.16
CA LYS C 85 -17.88 7.67 -14.59
C LYS C 85 -16.63 6.88 -14.89
N LEU C 86 -16.63 6.26 -16.06
CA LEU C 86 -15.51 5.50 -16.56
C LEU C 86 -15.26 5.88 -18.00
N CYS C 87 -14.01 6.19 -18.31
CA CYS C 87 -13.62 6.51 -19.67
C CYS C 87 -13.03 5.19 -20.10
N VAL C 88 -13.57 4.58 -21.14
CA VAL C 88 -13.07 3.30 -21.59
C VAL C 88 -12.84 3.27 -23.09
N TRP C 89 -11.79 2.60 -23.52
CA TRP C 89 -11.50 2.43 -24.93
C TRP C 89 -12.46 1.33 -25.39
N ASN C 90 -13.27 1.60 -26.41
CA ASN C 90 -14.23 0.60 -26.86
C ASN C 90 -13.79 -0.28 -28.03
N ASN C 91 -12.51 -0.25 -28.38
CA ASN C 91 -11.99 -1.09 -29.45
C ASN C 91 -11.37 -2.33 -28.78
N LYS C 92 -11.92 -2.68 -27.63
CA LYS C 92 -11.49 -3.81 -26.80
C LYS C 92 -12.72 -4.48 -26.18
N THR C 93 -12.60 -5.77 -25.83
CA THR C 93 -13.70 -6.53 -25.23
C THR C 93 -13.13 -7.45 -24.14
N PRO C 94 -13.49 -7.22 -22.87
CA PRO C 94 -14.37 -6.15 -22.36
C PRO C 94 -13.74 -4.77 -22.64
N HIS C 95 -14.52 -3.70 -22.55
CA HIS C 95 -14.00 -2.35 -22.77
C HIS C 95 -12.91 -2.10 -21.73
N ALA C 96 -11.81 -1.50 -22.17
CA ALA C 96 -10.66 -1.24 -21.33
C ALA C 96 -10.62 0.13 -20.62
N ILE C 97 -10.57 0.08 -19.29
CA ILE C 97 -10.52 1.27 -18.44
C ILE C 97 -9.34 2.20 -18.77
N ALA C 98 -9.68 3.45 -19.07
CA ALA C 98 -8.66 4.45 -19.36
C ALA C 98 -8.54 5.41 -18.16
N ALA C 99 -9.67 5.78 -17.58
CA ALA C 99 -9.68 6.70 -16.43
C ALA C 99 -10.90 6.34 -15.65
N ILE C 100 -10.96 6.82 -14.41
CA ILE C 100 -12.09 6.55 -13.53
C ILE C 100 -12.34 7.78 -12.64
N SER C 101 -13.59 8.01 -12.28
CA SER C 101 -13.93 9.13 -11.43
C SER C 101 -14.85 8.62 -10.33
N MET C 102 -14.56 9.05 -9.11
CA MET C 102 -15.32 8.68 -7.94
C MET C 102 -15.81 9.97 -7.37
N ALA C 103 -17.10 10.03 -7.13
CA ALA C 103 -17.73 11.19 -6.56
C ALA C 103 -18.88 10.51 -5.90
N ASN C 104 -18.82 10.47 -4.59
CA ASN C 104 -19.86 9.85 -3.81
C ASN C 104 -20.71 11.02 -3.35
N THR D 2 13.42 21.70 7.64
CA THR D 2 13.73 23.17 7.81
C THR D 2 12.43 24.01 7.83
N PRO D 3 11.60 24.00 6.75
CA PRO D 3 10.39 24.80 6.93
C PRO D 3 9.60 23.95 7.95
N GLN D 4 8.80 24.56 8.80
CA GLN D 4 8.09 23.85 9.87
C GLN D 4 6.61 23.61 9.67
N ASN D 5 6.06 24.11 8.56
CA ASN D 5 4.65 23.94 8.25
C ASN D 5 4.48 24.17 6.76
N ILE D 6 3.29 23.90 6.25
CA ILE D 6 3.05 24.03 4.82
C ILE D 6 3.16 25.46 4.31
N THR D 7 2.82 26.43 5.13
CA THR D 7 2.91 27.83 4.69
C THR D 7 4.35 28.29 4.44
N ASP D 8 5.27 27.92 5.34
CA ASP D 8 6.69 28.26 5.17
C ASP D 8 7.25 27.54 3.96
N LEU D 9 6.87 26.27 3.83
CA LEU D 9 7.34 25.46 2.72
C LEU D 9 6.84 26.03 1.38
N CYS D 10 5.58 26.41 1.34
CA CYS D 10 4.98 26.92 0.11
C CYS D 10 5.74 28.16 -0.29
N ALA D 11 6.07 28.98 0.70
CA ALA D 11 6.78 30.23 0.50
C ALA D 11 8.17 30.12 -0.14
N GLU D 12 8.70 28.91 -0.29
CA GLU D 12 10.02 28.70 -0.87
C GLU D 12 10.03 28.53 -2.39
N TYR D 13 8.86 28.66 -3.00
CA TYR D 13 8.71 28.50 -4.43
C TYR D 13 7.94 29.65 -5.04
N HIS D 14 8.21 29.95 -6.31
CA HIS D 14 7.49 31.01 -7.00
C HIS D 14 6.26 30.36 -7.61
N ASN D 15 5.26 31.18 -7.89
CA ASN D 15 4.02 30.71 -8.53
C ASN D 15 3.23 29.73 -7.66
N THR D 16 3.31 29.91 -6.35
CA THR D 16 2.59 29.04 -5.42
C THR D 16 1.63 29.89 -4.60
N GLN D 17 0.57 29.25 -4.10
CA GLN D 17 -0.40 29.93 -3.27
C GLN D 17 -1.02 28.91 -2.36
N ILE D 18 -1.49 29.37 -1.21
CA ILE D 18 -2.12 28.48 -0.24
C ILE D 18 -3.62 28.59 -0.44
N HIS D 19 -4.30 27.44 -0.40
CA HIS D 19 -5.76 27.39 -0.52
C HIS D 19 -6.22 26.76 0.78
N THR D 20 -6.94 27.48 1.63
CA THR D 20 -7.39 26.87 2.86
C THR D 20 -8.75 26.24 2.60
N LEU D 21 -8.82 24.91 2.61
CA LEU D 21 -10.06 24.23 2.34
C LEU D 21 -10.83 23.77 3.57
N ASN D 22 -10.14 23.12 4.51
CA ASN D 22 -10.80 22.58 5.70
C ASN D 22 -12.04 21.80 5.28
N ASP D 23 -11.89 20.89 4.32
CA ASP D 23 -13.03 20.14 3.82
C ASP D 23 -12.54 18.83 3.24
N LYS D 24 -13.45 17.90 2.98
CA LYS D 24 -13.06 16.63 2.41
C LYS D 24 -13.12 16.78 0.91
N ILE D 25 -12.35 15.94 0.22
CA ILE D 25 -12.29 15.91 -1.24
C ILE D 25 -13.65 15.45 -1.74
N PHE D 26 -14.18 16.19 -2.71
CA PHE D 26 -15.49 15.88 -3.26
C PHE D 26 -15.44 14.79 -4.32
N SER D 27 -14.47 14.84 -5.21
CA SER D 27 -14.35 13.80 -6.23
C SER D 27 -12.89 13.52 -6.51
N TYR D 28 -12.60 12.28 -6.94
CA TYR D 28 -11.25 11.83 -7.26
C TYR D 28 -11.27 11.24 -8.65
N THR D 29 -10.34 11.65 -9.50
CA THR D 29 -10.28 11.16 -10.86
C THR D 29 -8.86 10.71 -11.09
N GLU D 30 -8.71 9.54 -11.70
CA GLU D 30 -7.38 8.98 -11.94
C GLU D 30 -7.35 8.54 -13.39
N SER D 31 -6.21 8.73 -14.04
CA SER D 31 -6.06 8.36 -15.45
C SER D 31 -4.79 7.57 -15.76
N LEU D 32 -4.95 6.52 -16.55
CA LEU D 32 -3.82 5.69 -16.96
C LEU D 32 -3.54 5.91 -18.46
N ALA D 33 -4.36 6.75 -19.08
CA ALA D 33 -4.22 7.09 -20.51
C ALA D 33 -2.85 7.70 -20.80
N GLY D 34 -2.23 7.27 -21.89
CA GLY D 34 -0.90 7.74 -22.28
C GLY D 34 -0.81 9.23 -22.40
N LYS D 35 0.23 9.80 -21.82
CA LYS D 35 0.46 11.26 -21.82
C LYS D 35 -0.44 11.99 -20.82
N ARG D 36 -1.31 11.25 -20.13
CA ARG D 36 -2.24 11.81 -19.15
C ARG D 36 -2.28 10.93 -17.89
N GLU D 37 -1.12 10.50 -17.43
CA GLU D 37 -1.06 9.66 -16.23
C GLU D 37 -1.08 10.64 -15.09
N MET D 38 -2.29 11.06 -14.73
CA MET D 38 -2.50 12.05 -13.69
C MET D 38 -3.72 11.73 -12.82
N ALA D 39 -3.93 12.58 -11.82
CA ALA D 39 -5.06 12.45 -10.90
C ALA D 39 -5.61 13.86 -10.77
N ILE D 40 -6.92 13.98 -10.69
CA ILE D 40 -7.56 15.29 -10.54
C ILE D 40 -8.53 15.22 -9.39
N ILE D 41 -8.55 16.22 -8.53
CA ILE D 41 -9.47 16.22 -7.41
C ILE D 41 -10.23 17.54 -7.38
N THR D 42 -11.43 17.52 -6.83
CA THR D 42 -12.23 18.70 -6.73
C THR D 42 -12.86 18.73 -5.36
N PHE D 43 -13.22 19.92 -4.92
CA PHE D 43 -13.89 20.10 -3.66
C PHE D 43 -15.31 20.60 -3.97
N LYS D 44 -16.17 20.58 -2.97
CA LYS D 44 -17.57 20.98 -3.11
C LYS D 44 -17.73 22.38 -3.75
N ASN D 45 -16.88 23.32 -3.37
CA ASN D 45 -16.95 24.67 -3.94
C ASN D 45 -16.65 24.70 -5.46
N GLY D 46 -16.17 23.60 -6.01
CA GLY D 46 -15.85 23.52 -7.43
C GLY D 46 -14.34 23.58 -7.72
N ALA D 47 -13.56 24.07 -6.75
CA ALA D 47 -12.10 24.19 -6.89
C ALA D 47 -11.50 22.84 -7.32
N THR D 48 -10.73 22.90 -8.40
CA THR D 48 -10.10 21.75 -9.02
C THR D 48 -8.56 21.82 -8.97
N PHE D 49 -7.92 20.70 -8.62
CA PHE D 49 -6.46 20.64 -8.56
C PHE D 49 -6.03 19.35 -9.25
N GLN D 50 -4.76 19.27 -9.60
CA GLN D 50 -4.25 18.07 -10.28
C GLN D 50 -2.90 17.71 -9.72
N VAL D 51 -2.51 16.45 -9.92
CA VAL D 51 -1.17 16.05 -9.57
C VAL D 51 -0.67 15.92 -11.00
N GLU D 52 0.34 16.72 -11.32
CA GLU D 52 0.88 16.75 -12.66
C GLU D 52 1.46 15.45 -13.18
N VAL D 53 1.42 15.30 -14.50
CA VAL D 53 2.04 14.18 -15.19
C VAL D 53 3.55 14.43 -15.00
N PRO D 54 4.31 13.40 -14.61
CA PRO D 54 5.74 13.63 -14.43
C PRO D 54 6.37 14.09 -15.75
N GLY D 55 7.27 15.06 -15.66
CA GLY D 55 7.91 15.61 -16.84
C GLY D 55 9.29 16.19 -16.53
N SER D 56 9.86 16.92 -17.48
CA SER D 56 11.17 17.56 -17.34
C SER D 56 11.24 18.72 -16.32
N GLN D 57 10.09 19.20 -15.87
CA GLN D 57 10.09 20.26 -14.89
C GLN D 57 10.28 19.64 -13.49
N HIS D 58 10.29 18.31 -13.40
CA HIS D 58 10.46 17.61 -12.13
C HIS D 58 11.85 17.05 -12.05
N ILE D 59 12.51 17.18 -10.90
CA ILE D 59 13.83 16.58 -10.74
C ILE D 59 13.60 15.14 -10.28
N ASP D 60 14.64 14.31 -10.34
CA ASP D 60 14.48 12.91 -9.95
C ASP D 60 13.93 12.60 -8.56
N SER D 61 14.25 13.42 -7.58
CA SER D 61 13.76 13.21 -6.22
C SER D 61 12.26 13.38 -6.15
N GLN D 62 11.67 14.09 -7.11
CA GLN D 62 10.24 14.31 -7.11
C GLN D 62 9.45 13.14 -7.63
N LYS D 63 10.11 12.25 -8.35
CA LYS D 63 9.48 11.07 -8.93
C LYS D 63 8.67 10.27 -7.89
N LYS D 64 9.37 9.86 -6.84
CA LYS D 64 8.80 9.11 -5.74
C LYS D 64 7.66 9.88 -5.04
N ALA D 65 7.89 11.16 -4.78
CA ALA D 65 6.94 12.04 -4.08
C ALA D 65 5.64 12.25 -4.86
N ILE D 66 5.72 12.30 -6.18
CA ILE D 66 4.54 12.45 -7.03
C ILE D 66 3.63 11.22 -6.87
N GLU D 67 4.21 10.02 -6.88
CA GLU D 67 3.44 8.80 -6.70
C GLU D 67 2.81 8.75 -5.31
N ARG D 68 3.60 9.06 -4.27
CA ARG D 68 3.10 9.06 -2.88
C ARG D 68 1.90 10.01 -2.73
N MET D 69 1.96 11.16 -3.41
CA MET D 69 0.89 12.15 -3.37
C MET D 69 -0.40 11.60 -3.94
N LYS D 70 -0.28 10.81 -5.01
CA LYS D 70 -1.48 10.23 -5.61
C LYS D 70 -2.06 9.19 -4.67
N ASP D 71 -1.19 8.48 -3.97
CA ASP D 71 -1.62 7.49 -2.98
C ASP D 71 -2.37 8.19 -1.83
N THR D 72 -1.80 9.28 -1.35
CA THR D 72 -2.35 10.06 -0.26
C THR D 72 -3.73 10.60 -0.58
N LEU D 73 -3.87 11.19 -1.76
CA LEU D 73 -5.14 11.76 -2.19
C LEU D 73 -6.22 10.71 -2.26
N ARG D 74 -5.89 9.57 -2.86
CA ARG D 74 -6.84 8.48 -2.97
C ARG D 74 -7.34 8.06 -1.58
N ILE D 75 -6.41 7.84 -0.65
CA ILE D 75 -6.79 7.39 0.68
C ILE D 75 -7.48 8.48 1.51
N ALA D 76 -7.08 9.73 1.32
CA ALA D 76 -7.72 10.85 2.00
C ALA D 76 -9.17 10.86 1.50
N TYR D 77 -9.33 10.70 0.19
CA TYR D 77 -10.65 10.68 -0.43
C TYR D 77 -11.55 9.56 0.07
N LEU D 78 -11.02 8.34 0.11
CA LEU D 78 -11.80 7.20 0.57
C LEU D 78 -12.12 7.20 2.06
N THR D 79 -11.30 7.85 2.87
CA THR D 79 -11.56 7.88 4.30
C THR D 79 -12.26 9.17 4.72
N GLU D 80 -12.47 10.02 3.72
CA GLU D 80 -13.11 11.31 3.90
C GLU D 80 -12.40 12.20 4.91
N ALA D 81 -11.09 12.19 4.81
CA ALA D 81 -10.25 12.99 5.68
C ALA D 81 -10.37 14.46 5.29
N LYS D 82 -10.40 15.33 6.27
CA LYS D 82 -10.51 16.75 6.03
C LYS D 82 -9.13 17.28 5.67
N VAL D 83 -9.03 17.88 4.49
CA VAL D 83 -7.76 18.47 4.06
C VAL D 83 -7.84 19.92 4.52
N GLU D 84 -6.81 20.33 5.22
CA GLU D 84 -6.74 21.67 5.76
C GLU D 84 -6.33 22.66 4.70
N LYS D 85 -5.11 22.50 4.21
CA LYS D 85 -4.55 23.39 3.22
C LYS D 85 -3.89 22.61 2.10
N LEU D 86 -3.74 23.32 0.98
CA LEU D 86 -3.08 22.82 -0.21
C LEU D 86 -2.12 23.94 -0.65
N CYS D 87 -0.90 23.57 -1.02
CA CYS D 87 0.04 24.54 -1.55
C CYS D 87 0.01 24.14 -3.01
N VAL D 88 -0.32 25.09 -3.87
CA VAL D 88 -0.41 24.82 -5.30
C VAL D 88 0.39 25.78 -6.17
N TRP D 89 0.76 25.29 -7.33
CA TRP D 89 1.44 26.11 -8.31
C TRP D 89 0.27 26.67 -9.10
N ASN D 90 0.17 27.98 -9.22
CA ASN D 90 -0.95 28.55 -9.95
C ASN D 90 -0.66 28.92 -11.42
N ASN D 91 0.50 28.49 -11.93
CA ASN D 91 0.89 28.78 -13.31
C ASN D 91 0.50 27.61 -14.21
N LYS D 92 -0.34 26.73 -13.67
CA LYS D 92 -0.84 25.53 -14.34
C LYS D 92 -2.34 25.51 -14.19
N THR D 93 -3.05 24.88 -15.13
CA THR D 93 -4.50 24.80 -15.01
C THR D 93 -4.93 23.38 -15.36
N PRO D 94 -5.57 22.66 -14.42
CA PRO D 94 -5.92 23.09 -13.07
C PRO D 94 -4.65 23.30 -12.25
N HIS D 95 -4.76 24.03 -11.14
CA HIS D 95 -3.64 24.31 -10.23
C HIS D 95 -2.99 23.01 -9.81
N ALA D 96 -1.67 22.96 -9.82
CA ALA D 96 -0.91 21.75 -9.48
C ALA D 96 -0.48 21.64 -8.01
N ILE D 97 -0.85 20.53 -7.37
CA ILE D 97 -0.54 20.30 -5.95
C ILE D 97 0.96 20.13 -5.62
N ALA D 98 1.47 20.99 -4.75
CA ALA D 98 2.84 20.91 -4.31
C ALA D 98 2.92 20.23 -2.92
N ALA D 99 1.93 20.46 -2.08
CA ALA D 99 1.92 19.86 -0.75
C ALA D 99 0.51 19.88 -0.18
N ILE D 100 0.24 19.04 0.82
CA ILE D 100 -1.08 19.01 1.48
C ILE D 100 -0.89 18.99 2.98
N SER D 101 -1.88 19.53 3.69
CA SER D 101 -1.88 19.48 5.13
C SER D 101 -3.28 18.98 5.48
N MET D 102 -3.33 18.04 6.42
CA MET D 102 -4.56 17.44 6.90
C MET D 102 -4.49 17.61 8.41
N ALA D 103 -5.56 18.08 9.03
CA ALA D 103 -5.51 18.31 10.45
C ALA D 103 -6.76 18.04 11.25
N ASN D 104 -6.50 17.94 12.57
CA ASN D 104 -7.45 17.70 13.66
C ASN D 104 -7.23 16.36 14.34
N THR E 2 18.86 -7.09 18.33
CA THR E 2 19.75 -6.46 19.35
C THR E 2 18.95 -5.51 20.27
N PRO E 3 18.73 -4.23 19.87
CA PRO E 3 17.94 -3.46 20.84
C PRO E 3 16.56 -4.11 20.96
N GLN E 4 16.02 -4.15 22.16
CA GLN E 4 14.73 -4.79 22.41
C GLN E 4 13.56 -3.80 22.35
N ASN E 5 13.87 -2.51 22.35
CA ASN E 5 12.84 -1.49 22.34
C ASN E 5 13.37 -0.19 21.76
N ILE E 6 12.48 0.78 21.62
CA ILE E 6 12.83 2.07 21.05
C ILE E 6 13.86 2.84 21.90
N THR E 7 13.78 2.73 23.22
CA THR E 7 14.70 3.43 24.11
C THR E 7 16.13 2.96 23.89
N ASP E 8 16.32 1.65 23.91
CA ASP E 8 17.63 1.04 23.70
C ASP E 8 18.18 1.35 22.33
N LEU E 9 17.30 1.33 21.35
CA LEU E 9 17.65 1.61 19.98
C LEU E 9 18.18 3.02 19.90
N CYS E 10 17.40 3.95 20.45
CA CYS E 10 17.70 5.38 20.44
C CYS E 10 19.04 5.67 21.06
N ALA E 11 19.35 4.97 22.15
CA ALA E 11 20.60 5.15 22.89
C ALA E 11 21.84 4.73 22.09
N GLU E 12 21.64 4.11 20.92
CA GLU E 12 22.77 3.69 20.08
C GLU E 12 23.27 4.76 19.12
N TYR E 13 22.66 5.94 19.17
CA TYR E 13 23.08 7.03 18.30
C TYR E 13 23.36 8.27 19.13
N HIS E 14 24.14 9.16 18.56
CA HIS E 14 24.49 10.44 19.14
C HIS E 14 23.41 11.41 18.76
N ASN E 15 23.21 12.44 19.57
CA ASN E 15 22.24 13.49 19.25
C ASN E 15 20.79 13.02 19.10
N THR E 16 20.39 12.06 19.93
CA THR E 16 19.01 11.57 19.88
C THR E 16 18.37 11.70 21.25
N GLN E 17 17.06 11.75 21.29
CA GLN E 17 16.36 11.83 22.55
C GLN E 17 14.98 11.22 22.35
N ILE E 18 14.38 10.75 23.44
CA ILE E 18 13.07 10.14 23.38
C ILE E 18 12.02 11.14 23.84
N HIS E 19 10.90 11.14 23.15
CA HIS E 19 9.76 11.98 23.47
C HIS E 19 8.63 11.01 23.74
N THR E 20 7.94 11.19 24.87
CA THR E 20 6.82 10.34 25.21
C THR E 20 5.60 11.19 25.00
N LEU E 21 4.84 10.86 23.96
CA LEU E 21 3.66 11.62 23.63
C LEU E 21 2.38 10.94 24.11
N ASN E 22 2.25 9.64 23.83
CA ASN E 22 1.04 8.90 24.20
C ASN E 22 -0.18 9.64 23.68
N ASP E 23 -0.12 10.05 22.41
CA ASP E 23 -1.21 10.79 21.81
C ASP E 23 -1.25 10.51 20.31
N LYS E 24 -2.35 10.87 19.67
CA LYS E 24 -2.47 10.68 18.24
C LYS E 24 -1.88 11.90 17.51
N ILE E 25 -1.45 11.69 16.27
CA ILE E 25 -0.89 12.76 15.45
C ILE E 25 -2.01 13.76 15.18
N PHE E 26 -1.71 15.03 15.40
CA PHE E 26 -2.66 16.12 15.23
C PHE E 26 -2.79 16.59 13.78
N SER E 27 -1.66 16.70 13.06
CA SER E 27 -1.69 17.11 11.65
C SER E 27 -0.57 16.42 10.90
N TYR E 28 -0.79 16.21 9.61
CA TYR E 28 0.18 15.56 8.74
C TYR E 28 0.31 16.42 7.47
N THR E 29 1.53 16.71 7.08
CA THR E 29 1.80 17.53 5.91
C THR E 29 2.75 16.74 5.04
N GLU E 30 2.47 16.69 3.75
CA GLU E 30 3.34 15.98 2.85
C GLU E 30 3.66 16.92 1.72
N SER E 31 4.88 16.86 1.19
CA SER E 31 5.34 17.71 0.10
C SER E 31 6.06 16.92 -1.00
N LEU E 32 5.84 17.32 -2.25
CA LEU E 32 6.48 16.70 -3.40
C LEU E 32 7.34 17.76 -4.12
N ALA E 33 7.39 18.95 -3.53
CA ALA E 33 8.16 20.08 -4.05
C ALA E 33 9.64 19.72 -4.08
N GLY E 34 10.29 20.04 -5.20
CA GLY E 34 11.69 19.72 -5.40
C GLY E 34 12.58 20.23 -4.29
N LYS E 35 13.38 19.33 -3.73
CA LYS E 35 14.29 19.61 -2.62
C LYS E 35 13.59 19.67 -1.27
N ARG E 36 12.27 19.51 -1.29
CA ARG E 36 11.48 19.52 -0.06
C ARG E 36 10.54 18.32 -0.06
N GLU E 37 11.00 17.19 -0.60
CA GLU E 37 10.19 15.99 -0.63
C GLU E 37 10.27 15.39 0.79
N MET E 38 9.36 15.85 1.66
CA MET E 38 9.37 15.44 3.06
C MET E 38 7.95 15.41 3.67
N ALA E 39 7.89 15.01 4.93
CA ALA E 39 6.63 14.99 5.68
C ALA E 39 6.90 15.61 7.04
N ILE E 40 5.92 16.33 7.56
CA ILE E 40 6.02 16.97 8.86
C ILE E 40 4.75 16.62 9.62
N ILE E 41 4.92 16.29 10.90
CA ILE E 41 3.78 15.96 11.73
C ILE E 41 3.79 16.85 12.96
N THR E 42 2.61 16.95 13.56
CA THR E 42 2.38 17.79 14.72
C THR E 42 1.51 17.04 15.70
N PHE E 43 1.65 17.39 16.97
CA PHE E 43 0.82 16.86 18.04
C PHE E 43 0.12 18.07 18.68
N LYS E 44 -0.95 17.81 19.43
CA LYS E 44 -1.75 18.85 20.07
C LYS E 44 -1.00 19.98 20.79
N ASN E 45 0.00 19.61 21.59
CA ASN E 45 0.80 20.60 22.31
C ASN E 45 1.68 21.48 21.41
N GLY E 46 1.70 21.22 20.10
CA GLY E 46 2.51 21.99 19.17
C GLY E 46 3.82 21.37 18.70
N ALA E 47 4.31 20.36 19.41
CA ALA E 47 5.56 19.67 19.08
C ALA E 47 5.55 19.19 17.64
N THR E 48 6.57 19.64 16.89
CA THR E 48 6.72 19.38 15.47
C THR E 48 7.91 18.49 15.11
N PHE E 49 7.69 17.48 14.28
CA PHE E 49 8.76 16.54 13.87
C PHE E 49 8.73 16.35 12.34
N GLN E 50 9.88 16.03 11.76
CA GLN E 50 9.98 15.82 10.31
C GLN E 50 10.58 14.47 9.96
N VAL E 51 10.33 14.02 8.73
CA VAL E 51 10.96 12.81 8.20
C VAL E 51 11.83 13.58 7.19
N GLU E 52 13.14 13.54 7.39
CA GLU E 52 14.06 14.30 6.53
C GLU E 52 14.05 13.98 5.06
N VAL E 53 14.41 14.98 4.25
CA VAL E 53 14.54 14.80 2.80
C VAL E 53 15.73 13.82 2.66
N PRO E 54 15.63 12.79 1.81
CA PRO E 54 16.77 11.86 1.71
C PRO E 54 18.03 12.59 1.18
N GLY E 55 19.09 12.64 1.98
CA GLY E 55 20.30 13.30 1.55
C GLY E 55 21.55 12.48 1.84
N SER E 56 22.72 13.11 1.71
CA SER E 56 24.02 12.46 1.94
C SER E 56 24.29 11.90 3.34
N GLN E 57 23.50 12.31 4.34
CA GLN E 57 23.71 11.79 5.69
C GLN E 57 23.13 10.37 5.82
N HIS E 58 22.34 9.97 4.82
CA HIS E 58 21.69 8.67 4.81
C HIS E 58 22.47 7.62 4.04
N ILE E 59 22.56 6.42 4.59
CA ILE E 59 23.23 5.33 3.90
C ILE E 59 22.15 4.63 3.06
N ASP E 60 22.59 3.89 2.05
CA ASP E 60 21.66 3.20 1.15
C ASP E 60 20.55 2.46 1.83
N SER E 61 20.88 1.78 2.92
CA SER E 61 19.91 0.98 3.63
C SER E 61 18.74 1.73 4.25
N GLN E 62 18.89 3.02 4.49
CA GLN E 62 17.78 3.69 5.11
C GLN E 62 16.80 4.38 4.17
N LYS E 63 17.10 4.36 2.87
CA LYS E 63 16.22 4.98 1.86
C LYS E 63 14.83 4.33 1.83
N LYS E 64 14.78 3.01 1.84
CA LYS E 64 13.50 2.29 1.84
C LYS E 64 12.81 2.53 3.18
N ALA E 65 13.61 2.58 4.24
CA ALA E 65 13.11 2.79 5.58
C ALA E 65 12.50 4.19 5.72
N ILE E 66 13.07 5.16 4.99
CA ILE E 66 12.57 6.52 5.01
C ILE E 66 11.20 6.53 4.36
N GLU E 67 11.08 5.78 3.27
CA GLU E 67 9.83 5.70 2.52
C GLU E 67 8.77 5.01 3.37
N ARG E 68 9.17 3.94 4.05
CA ARG E 68 8.26 3.21 4.91
C ARG E 68 7.75 4.10 6.06
N MET E 69 8.61 4.95 6.62
CA MET E 69 8.23 5.83 7.73
C MET E 69 7.11 6.80 7.36
N LYS E 70 7.25 7.46 6.20
CA LYS E 70 6.23 8.37 5.67
C LYS E 70 4.90 7.61 5.52
N ASP E 71 4.97 6.36 5.06
CA ASP E 71 3.76 5.52 4.92
C ASP E 71 3.14 5.26 6.29
N THR E 72 4.00 4.95 7.26
CA THR E 72 3.57 4.67 8.62
C THR E 72 2.89 5.89 9.27
N LEU E 73 3.47 7.07 9.09
CA LEU E 73 2.89 8.29 9.65
C LEU E 73 1.54 8.63 9.03
N ARG E 74 1.40 8.40 7.73
CA ARG E 74 0.14 8.67 7.07
C ARG E 74 -1.01 7.81 7.61
N ILE E 75 -0.88 6.48 7.67
CA ILE E 75 -2.00 5.67 8.22
C ILE E 75 -2.17 5.86 9.70
N ALA E 76 -1.07 6.09 10.41
CA ALA E 76 -1.14 6.34 11.85
C ALA E 76 -2.06 7.54 12.03
N TYR E 77 -1.88 8.54 11.17
CA TYR E 77 -2.69 9.76 11.22
C TYR E 77 -4.14 9.49 10.88
N LEU E 78 -4.35 8.90 9.70
CA LEU E 78 -5.69 8.59 9.20
C LEU E 78 -6.47 7.69 10.14
N THR E 79 -5.77 6.82 10.87
CA THR E 79 -6.46 5.93 11.78
C THR E 79 -6.46 6.42 13.23
N GLU E 80 -5.89 7.60 13.50
CA GLU E 80 -5.83 8.17 14.85
C GLU E 80 -5.17 7.24 15.86
N ALA E 81 -4.14 6.57 15.39
CA ALA E 81 -3.42 5.63 16.21
C ALA E 81 -2.60 6.44 17.20
N LYS E 82 -2.52 5.96 18.43
CA LYS E 82 -1.75 6.65 19.45
C LYS E 82 -0.30 6.26 19.34
N VAL E 83 0.57 7.25 19.23
CA VAL E 83 1.98 6.97 19.15
C VAL E 83 2.48 7.08 20.58
N GLU E 84 3.27 6.10 20.98
CA GLU E 84 3.80 6.10 22.32
C GLU E 84 5.02 7.01 22.44
N LYS E 85 6.08 6.64 21.74
CA LYS E 85 7.32 7.39 21.78
C LYS E 85 7.87 7.64 20.40
N LEU E 86 8.75 8.63 20.33
CA LEU E 86 9.47 9.00 19.12
C LEU E 86 10.93 9.16 19.54
N CYS E 87 11.82 8.55 18.78
CA CYS E 87 13.25 8.69 19.02
C CYS E 87 13.56 9.66 17.90
N VAL E 88 14.13 10.80 18.26
CA VAL E 88 14.43 11.82 17.27
C VAL E 88 15.83 12.37 17.41
N TRP E 89 16.39 12.79 16.28
CA TRP E 89 17.70 13.42 16.26
C TRP E 89 17.41 14.87 16.66
N ASN E 90 18.07 15.36 17.71
CA ASN E 90 17.84 16.74 18.15
C ASN E 90 18.77 17.77 17.54
N ASN E 91 19.63 17.34 16.61
CA ASN E 91 20.55 18.27 15.93
C ASN E 91 19.95 18.82 14.63
N LYS E 92 18.63 18.71 14.47
CA LYS E 92 17.92 19.20 13.29
C LYS E 92 16.66 19.93 13.77
N THR E 93 16.13 20.84 12.97
CA THR E 93 14.89 21.57 13.32
C THR E 93 13.99 21.57 12.09
N PRO E 94 12.78 21.02 12.18
CA PRO E 94 12.16 20.34 13.32
C PRO E 94 12.99 19.13 13.65
N HIS E 95 12.73 18.53 14.80
CA HIS E 95 13.45 17.33 15.18
C HIS E 95 13.11 16.25 14.18
N ALA E 96 14.13 15.50 13.76
CA ALA E 96 13.97 14.47 12.75
C ALA E 96 13.68 13.11 13.36
N ILE E 97 12.65 12.44 12.84
CA ILE E 97 12.26 11.14 13.33
C ILE E 97 13.24 10.04 12.97
N ALA E 98 13.66 9.30 13.98
CA ALA E 98 14.57 8.17 13.81
C ALA E 98 13.79 6.85 13.95
N ALA E 99 12.88 6.79 14.91
CA ALA E 99 12.09 5.59 15.16
C ALA E 99 10.78 6.01 15.78
N ILE E 100 9.83 5.10 15.78
CA ILE E 100 8.51 5.38 16.35
C ILE E 100 7.99 4.12 17.02
N SER E 101 7.20 4.32 18.07
CA SER E 101 6.60 3.22 18.77
C SER E 101 5.15 3.60 19.01
N MET E 102 4.25 2.66 18.74
CA MET E 102 2.83 2.88 18.93
C MET E 102 2.35 1.79 19.87
N ALA E 103 1.54 2.15 20.85
CA ALA E 103 1.03 1.16 21.80
C ALA E 103 -0.44 1.36 22.09
N ASN E 104 -1.14 0.23 22.24
CA ASN E 104 -2.57 0.12 22.53
C ASN E 104 -3.13 1.22 23.43
C1 GAL F . 24.45 -24.95 5.61
C2 GAL F . 23.16 -24.87 6.43
C3 GAL F . 21.97 -24.33 5.62
C4 GAL F . 22.41 -23.00 5.06
C5 GAL F . 23.74 -23.12 4.22
C6 GAL F . 24.33 -21.81 3.59
O2 GAL F . 22.79 -26.10 6.97
O3 GAL F . 20.86 -24.20 6.57
O4 GAL F . 22.56 -22.15 6.25
O5 GAL F . 24.78 -23.69 5.04
O6 GAL F . 25.19 -22.12 2.52
C1 NGA F . 21.63 -21.14 6.28
C2 NGA F . 21.67 -20.45 7.64
C3 NGA F . 20.87 -19.13 7.49
C4 NGA F . 21.42 -18.25 6.36
C5 NGA F . 21.37 -19.04 5.06
C6 NGA F . 21.97 -18.33 3.87
C7 NGA F . 21.69 -21.94 9.60
C8 NGA F . 20.91 -22.93 10.41
N2 NGA F . 21.11 -21.43 8.54
O3 NGA F . 20.98 -18.41 8.74
O4 NGA F . 22.71 -17.77 6.61
O5 NGA F . 22.05 -20.26 5.25
O6 NGA F . 21.73 -19.15 2.74
O7 NGA F . 22.82 -21.65 9.93
C1 GAL F . 19.76 -18.00 9.37
C2 GAL F . 20.00 -17.57 10.77
C3 GAL F . 18.70 -17.08 11.44
C4 GAL F . 18.07 -16.00 10.54
C5 GAL F . 17.89 -16.47 9.12
C6 GAL F . 17.39 -15.49 8.13
O2 GAL F . 20.48 -18.70 11.44
O3 GAL F . 19.01 -16.58 12.74
O4 GAL F . 18.96 -14.93 10.49
O5 GAL F . 19.15 -16.94 8.65
O6 GAL F . 17.42 -16.08 6.87
C1 SIA F . 18.75 -23.86 7.47
C2 SIA F . 19.50 -24.30 6.13
C3 SIA F . 19.18 -25.79 5.74
C4 SIA F . 17.63 -25.93 5.53
C5 SIA F . 17.17 -24.94 4.37
C6 SIA F . 17.66 -23.49 4.68
C7 SIA F . 17.46 -22.50 3.52
C8 SIA F . 18.21 -21.16 3.74
C9 SIA F . 17.85 -20.32 2.54
C10 SIA F . 15.06 -24.82 3.08
C11 SIA F . 13.52 -24.85 3.21
N5 SIA F . 15.70 -24.94 4.24
O1A SIA F . 18.49 -22.65 7.71
O1B SIA F . 18.40 -24.72 8.30
O4 SIA F . 17.20 -27.29 5.25
O6 SIA F . 19.08 -23.50 4.99
O7 SIA F . 17.90 -23.02 2.25
O8 SIA F . 17.93 -20.51 4.97
O9 SIA F . 18.20 -18.99 2.79
O10 SIA F . 15.60 -24.71 1.98
C2 BGC G . 6.12 -28.46 -26.51
C3 BGC G . 5.44 -27.98 -25.21
C4 BGC G . 3.97 -27.61 -25.56
C5 BGC G . 3.20 -28.80 -26.24
C6 BGC G . 1.84 -28.44 -26.94
C1 BGC G . 5.39 -29.68 -27.02
O1 BGC G . 6.03 -30.09 -28.25
O2 BGC G . 7.49 -28.86 -26.29
O3 BGC G . 6.23 -26.91 -24.74
O4 BGC G . 3.23 -27.26 -24.37
O5 BGC G . 4.00 -29.40 -27.24
O6 BGC G . 0.77 -29.13 -26.36
C1 GAL G . 3.16 -25.93 -23.92
C2 GAL G . 1.86 -25.75 -23.02
C3 GAL G . 1.82 -24.26 -22.47
C4 GAL G . 3.12 -23.68 -21.87
C5 GAL G . 4.27 -23.82 -22.90
C6 GAL G . 5.70 -23.48 -22.32
O2 GAL G . 0.69 -26.04 -23.79
O3 GAL G . 0.96 -24.31 -21.38
O4 GAL G . 3.44 -24.33 -20.61
O5 GAL G . 4.35 -25.23 -23.35
O6 GAL G . 6.62 -23.16 -23.40
C1 NGA G . 3.49 -23.66 -19.45
C2 NGA G . 3.37 -24.56 -18.27
C3 NGA G . 3.37 -23.70 -17.03
C4 NGA G . 4.58 -22.83 -17.00
C5 NGA G . 4.77 -22.09 -18.26
C6 NGA G . 6.04 -21.29 -18.44
C7 NGA G . 1.98 -26.58 -18.40
C8 NGA G . 0.55 -27.03 -18.63
N2 NGA G . 2.11 -25.26 -18.45
O3 NGA G . 3.36 -24.48 -15.84
O4 NGA G . 5.72 -23.53 -16.77
O5 NGA G . 4.68 -22.98 -19.36
O6 NGA G . 5.88 -20.54 -19.65
O7 NGA G . 2.93 -27.33 -18.18
C1 GAL G . 2.42 -24.14 -14.84
C2 GAL G . 2.53 -25.12 -13.65
C3 GAL G . 1.50 -24.77 -12.59
C4 GAL G . 1.67 -23.31 -12.12
C5 GAL G . 1.79 -22.29 -13.33
C6 GAL G . 2.42 -20.93 -12.92
O2 GAL G . 2.27 -26.41 -14.10
O3 GAL G . 1.69 -25.62 -11.52
O4 GAL G . 2.82 -23.21 -11.31
O5 GAL G . 2.66 -22.78 -14.38
O6 GAL G . 2.61 -20.21 -14.06
C1 SIA G . -0.62 -23.65 -19.77
C2 SIA G . -0.06 -23.36 -21.19
C3 SIA G . -1.19 -23.45 -22.26
C4 SIA G . -2.21 -22.34 -22.06
C5 SIA G . -1.50 -20.97 -22.18
C6 SIA G . -0.40 -20.89 -21.10
C7 SIA G . 0.49 -19.63 -21.02
C8 SIA G . 1.70 -19.87 -20.09
C9 SIA G . 2.50 -18.51 -19.82
C10 SIA G . -2.44 -18.78 -22.53
C11 SIA G . -3.59 -17.79 -22.28
N5 SIA G . -2.53 -19.98 -21.99
O1A SIA G . 0.03 -23.18 -18.81
O1B SIA G . -1.66 -24.32 -19.61
O4 SIA G . -3.28 -22.46 -23.01
O6 SIA G . 0.53 -22.05 -21.23
O7 SIA G . 0.97 -19.31 -22.30
O8 SIA G . 1.23 -20.47 -18.88
O9 SIA G . 3.61 -18.75 -18.96
O10 SIA G . -1.46 -18.40 -23.17
C1 GAL H . -1.99 7.89 -34.42
C2 GAL H . -3.20 7.89 -33.47
C3 GAL H . -2.74 8.30 -32.06
C4 GAL H . -1.62 7.44 -31.52
C5 GAL H . -0.42 7.41 -32.49
C6 GAL H . 0.62 6.32 -32.02
O2 GAL H . -4.31 8.69 -33.83
O3 GAL H . -3.90 8.07 -31.29
O4 GAL H . -2.19 6.11 -31.38
O5 GAL H . -0.90 7.10 -33.86
O6 GAL H . 1.79 6.31 -32.80
C1 NGA H . -2.06 5.43 -30.14
C2 NGA H . -3.05 4.31 -30.19
C3 NGA H . -2.85 3.50 -28.91
C4 NGA H . -1.42 3.01 -28.71
C5 NGA H . -0.47 4.16 -28.73
C6 NGA H . 1.02 3.72 -28.69
C7 NGA H . -5.13 4.87 -31.45
C8 NGA H . -6.51 5.47 -31.48
N2 NGA H . -4.40 4.87 -30.34
O3 NGA H . -3.69 2.39 -29.00
O4 NGA H . -1.02 2.07 -29.67
O5 NGA H . -0.72 4.91 -29.93
O6 NGA H . 1.83 4.87 -28.84
O7 NGA H . -4.74 4.34 -32.50
C1 GAL H . -4.59 2.31 -27.97
C2 GAL H . -5.57 1.19 -28.29
C3 GAL H . -6.56 1.00 -27.09
C4 GAL H . -5.77 0.89 -25.75
C5 GAL H . -4.68 2.00 -25.59
C6 GAL H . -3.77 1.99 -24.38
O2 GAL H . -6.25 1.49 -29.49
O3 GAL H . -7.32 -0.17 -27.27
O4 GAL H . -5.16 -0.35 -25.77
O5 GAL H . -3.81 1.99 -26.77
O6 GAL H . -3.11 3.25 -24.27
C1 SIA H . -5.27 8.04 -29.47
C2 SIA H . -4.06 8.78 -30.10
C3 SIA H . -4.44 10.27 -30.46
C4 SIA H . -4.68 11.06 -29.20
C5 SIA H . -3.39 11.04 -28.30
C6 SIA H . -3.01 9.54 -28.00
C7 SIA H . -1.72 9.43 -27.23
C8 SIA H . -1.17 8.02 -27.20
C9 SIA H . -0.07 7.91 -26.18
C10 SIA H . -2.92 12.51 -26.30
C11 SIA H . -3.56 13.25 -25.11
N5 SIA H . -3.74 11.81 -27.10
O1A SIA H . -5.03 7.02 -28.79
O1B SIA H . -6.44 8.42 -29.68
O4 SIA H . -5.04 12.37 -29.58
O6 SIA H . -2.86 8.81 -29.27
O7 SIA H . -0.73 10.24 -27.82
O8 SIA H . -2.11 7.07 -26.90
O9 SIA H . 0.36 6.59 -26.21
O10 SIA H . -1.69 12.55 -26.46
C2 BGC I . 16.57 33.80 -13.22
C3 BGC I . 16.27 32.28 -13.21
C4 BGC I . 14.82 32.10 -12.70
C5 BGC I . 13.67 32.84 -13.46
C6 BGC I . 12.28 32.67 -12.63
C1 BGC I . 15.46 34.52 -14.10
O1 BGC I . 15.60 35.89 -14.24
O2 BGC I . 17.93 33.94 -13.61
O3 BGC I . 17.16 31.49 -12.43
O4 BGC I . 14.49 30.74 -12.89
O5 BGC I . 14.08 34.26 -13.61
O6 BGC I . 12.31 33.34 -11.36
C1 GAL I . 14.90 29.81 -11.90
C2 GAL I . 13.66 29.67 -10.90
C3 GAL I . 13.91 28.44 -9.98
C4 GAL I . 14.17 27.20 -10.80
C5 GAL I . 15.47 27.42 -11.55
C6 GAL I . 15.81 26.36 -12.60
O2 GAL I . 13.48 30.86 -10.09
O3 GAL I . 12.69 28.28 -9.32
O4 GAL I . 13.04 27.04 -11.72
O5 GAL I . 15.46 28.59 -12.37
O6 GAL I . 16.91 26.86 -13.40
C1 NGA I . 12.36 25.83 -11.57
C2 NGA I . 11.00 26.06 -12.16
C3 NGA I . 10.28 24.74 -12.04
C4 NGA I . 11.04 23.59 -12.75
C5 NGA I . 12.43 23.44 -12.10
C6 NGA I . 13.32 22.34 -12.64
C7 NGA I . 9.96 28.26 -11.99
C8 NGA I . 9.36 29.34 -11.13
N2 NGA I . 10.40 27.15 -11.42
O3 NGA I . 9.02 24.87 -12.66
O4 NGA I . 11.16 23.79 -14.14
O5 NGA I . 13.09 24.74 -12.20
O6 NGA I . 14.24 22.11 -11.61
O7 NGA I . 9.99 28.43 -13.23
C1 GAL I . 7.94 24.39 -11.91
C2 GAL I . 6.72 24.71 -12.73
C3 GAL I . 5.54 24.36 -11.85
C4 GAL I . 5.63 22.85 -11.46
C5 GAL I . 6.94 22.55 -10.73
C6 GAL I . 7.14 21.12 -10.38
O2 GAL I . 6.71 26.08 -13.10
O3 GAL I . 4.39 24.63 -12.56
O4 GAL I . 5.55 22.06 -12.62
O5 GAL I . 8.02 22.97 -11.55
O6 GAL I . 8.39 21.00 -9.77
C1 SIA I . 11.01 27.73 -7.87
C2 SIA I . 12.55 27.76 -7.99
C3 SIA I . 13.24 28.71 -6.95
C4 SIA I . 13.01 28.24 -5.55
C5 SIA I . 13.64 26.83 -5.41
C6 SIA I . 12.99 25.84 -6.48
C7 SIA I . 13.53 24.41 -6.54
C8 SIA I . 13.13 23.64 -7.85
C9 SIA I . 13.58 22.17 -7.77
C10 SIA I . 14.00 25.62 -3.32
C11 SIA I . 13.55 25.32 -1.91
N5 SIA I . 13.27 26.47 -4.04
O1A SIA I . 10.42 26.76 -8.36
O1B SIA I . 10.40 28.72 -7.40
O4 SIA I . 13.51 29.13 -4.58
O6 SIA I . 13.13 26.43 -7.84
O7 SIA I . 14.94 24.52 -6.53
O8 SIA I . 11.77 23.68 -8.15
O9 SIA I . 12.99 21.38 -8.80
O10 SIA I . 15.00 25.07 -3.76
C2 BGC J . 35.29 10.51 15.64
C3 BGC J . 34.37 10.34 14.46
C4 BGC J . 32.96 10.46 14.88
C5 BGC J . 32.70 11.80 15.55
C6 BGC J . 31.16 12.11 16.06
C1 BGC J . 35.06 11.84 16.31
O1 BGC J . 35.86 11.90 17.48
O2 BGC J . 36.60 10.44 15.18
O3 BGC J . 34.58 9.07 13.88
O4 BGC J . 32.25 10.35 13.68
O5 BGC J . 33.67 11.87 16.67
O6 BGC J . 30.72 11.44 17.24
C1 GAL J . 31.52 9.16 13.48
C2 GAL J . 30.16 9.21 14.24
C3 GAL J . 29.25 8.10 13.73
C4 GAL J . 29.10 8.20 12.25
C5 GAL J . 30.48 8.18 11.57
C6 GAL J . 30.39 8.44 10.06
O2 GAL J . 30.19 9.12 15.67
O3 GAL J . 28.01 8.40 14.35
O4 GAL J . 28.41 9.47 11.96
O5 GAL J . 31.35 9.19 12.10
O6 GAL J . 31.72 8.40 9.57
C1 NGA J . 27.17 9.39 11.29
C2 NGA J . 26.49 10.72 11.47
C3 NGA J . 25.18 10.62 10.72
C4 NGA J . 25.39 10.28 9.24
C5 NGA J . 26.15 8.98 9.13
C6 NGA J . 26.53 8.56 7.72
C7 NGA J . 26.87 11.82 13.66
C8 NGA J . 26.60 11.72 15.19
N2 NGA J . 26.35 10.84 12.93
O3 NGA J . 24.54 11.87 10.80
O4 NGA J . 26.06 11.27 8.51
O5 NGA J . 27.37 9.09 9.92
O6 NGA J . 27.12 7.26 7.81
O7 NGA J . 27.50 12.78 13.16
C1 GAL J . 23.22 11.84 11.26
C2 GAL J . 22.72 13.33 11.39
C3 GAL J . 21.28 13.31 11.86
C4 GAL J . 20.42 12.53 10.79
C5 GAL J . 20.98 11.07 10.67
C6 GAL J . 20.21 10.30 9.60
O2 GAL J . 23.50 14.12 12.28
O3 GAL J . 20.83 14.66 12.02
O4 GAL J . 20.39 13.16 9.50
O5 GAL J . 22.39 11.09 10.31
O6 GAL J . 20.79 9.02 9.39
C1 SIA J . 25.85 8.10 15.13
C2 SIA J . 27.10 7.36 14.69
C3 SIA J . 27.67 6.45 15.82
C4 SIA J . 26.71 5.34 16.21
C5 SIA J . 26.33 4.57 14.96
C6 SIA J . 25.80 5.47 13.82
C7 SIA J . 25.59 4.76 12.51
C8 SIA J . 25.34 5.72 11.37
C9 SIA J . 24.92 4.92 10.13
C10 SIA J . 25.26 2.48 14.85
C11 SIA J . 24.16 1.58 15.41
N5 SIA J . 25.30 3.68 15.41
O1A SIA J . 25.08 8.55 14.26
O1B SIA J . 25.62 8.24 16.34
O4 SIA J . 27.29 4.45 17.16
O6 SIA J . 26.75 6.54 13.55
O7 SIA J . 26.75 4.03 12.17
O8 SIA J . 24.36 6.68 11.72
O9 SIA J . 24.81 5.73 8.99
O10 SIA J . 26.02 2.14 13.93
#